data_2BSR
#
_entry.id   2BSR
#
_cell.length_a   51.054
_cell.length_b   82.122
_cell.length_c   108.719
_cell.angle_alpha   90.00
_cell.angle_beta   90.00
_cell.angle_gamma   90.00
#
_symmetry.space_group_name_H-M   'P 21 21 21'
#
loop_
_entity.id
_entity.type
_entity.pdbx_description
1 polymer 'HLA CLASS I HISTOCOMPATIBILITY ANTIGEN, B-27 ALPHA CHAIN PRECURSOR'
2 polymer BETA-2-MICROGLOBULIN
3 polymer 'EPSTEIN-BARR NUCLEAR ANTIGEN-6'
4 water water
#
loop_
_entity_poly.entity_id
_entity_poly.type
_entity_poly.pdbx_seq_one_letter_code
_entity_poly.pdbx_strand_id
1 'polypeptide(L)'
;GSHSMRYFHTSVSRPGRGEPRFITVGYVDDTLFVRFDSDAASPREEPRAPWIEQEGPEYWDRETQICKAKAQTDREDLRT
LLRYYNQSEAGSHTLQNMYGCDVGPDGRLLRGYHQNAYDGKDYIALNEDLSSWTAADTAAQITQRKWEAARVAEQLRAYL
EGECVEWLRRYLENGKETLQRADPPKTHVTHHPISDHEATLRCWALGFYPAEITLTWQRDGEDQTQDTELVETRPAGDRT
FQKWAAVVVPSGEEQRYTCHVQHEGLPKPLTLRWEP
;
A
2 'polypeptide(L)'
;MIQRTPKIQVYSRHPAENGKSNFLNCYVSGFHPSDIEVDLLKNGERIEKVEHSDLSFSKDWSFYLLYYTEFTPTEKDEYA
CRVNHVTLSQPKIVKWDRDM
;
B
3 'polypeptide(L)' RRIYDLIEL C
#
# COMPACT_ATOMS: atom_id res chain seq x y z
N GLY A 1 5.81 20.08 -5.24
CA GLY A 1 4.64 19.84 -6.13
C GLY A 1 3.39 19.55 -5.34
N SER A 2 2.61 18.57 -5.79
CA SER A 2 1.38 18.18 -5.11
C SER A 2 1.65 17.24 -3.94
N HIS A 3 0.72 17.20 -3.01
CA HIS A 3 0.83 16.34 -1.82
C HIS A 3 -0.54 15.83 -1.41
N SER A 4 -0.55 14.70 -0.72
CA SER A 4 -1.81 14.11 -0.29
C SER A 4 -1.73 13.57 1.14
N MET A 5 -2.89 13.41 1.76
CA MET A 5 -2.97 12.83 3.08
C MET A 5 -4.15 11.87 2.99
N ARG A 6 -3.99 10.69 3.58
CA ARG A 6 -5.06 9.71 3.53
C ARG A 6 -5.12 8.94 4.82
N TYR A 7 -6.34 8.57 5.19
CA TYR A 7 -6.58 7.77 6.37
C TYR A 7 -7.30 6.54 5.85
N PHE A 8 -6.74 5.38 6.17
CA PHE A 8 -7.27 4.10 5.71
C PHE A 8 -7.81 3.28 6.86
N HIS A 9 -9.00 2.73 6.66
CA HIS A 9 -9.64 1.92 7.68
C HIS A 9 -10.16 0.63 7.07
N THR A 10 -10.10 -0.44 7.83
CA THR A 10 -10.65 -1.70 7.38
C THR A 10 -11.10 -2.49 8.59
N SER A 11 -12.34 -2.97 8.53
CA SER A 11 -12.88 -3.78 9.62
C SER A 11 -13.24 -5.13 9.05
N VAL A 12 -12.88 -6.18 9.78
CA VAL A 12 -13.16 -7.53 9.33
C VAL A 12 -13.82 -8.34 10.44
N SER A 13 -15.03 -8.81 10.17
CA SER A 13 -15.76 -9.61 11.14
C SER A 13 -15.15 -11.02 11.18
N ARG A 14 -15.25 -11.66 12.34
CA ARG A 14 -14.72 -13.00 12.53
C ARG A 14 -15.63 -13.69 13.54
N PRO A 15 -16.86 -14.04 13.10
CA PRO A 15 -17.89 -14.70 13.91
C PRO A 15 -17.39 -15.82 14.80
N GLY A 16 -17.64 -15.71 16.10
CA GLY A 16 -17.22 -16.75 17.02
C GLY A 16 -15.79 -16.54 17.48
N ARG A 17 -15.14 -15.50 16.95
CA ARG A 17 -13.78 -15.19 17.33
C ARG A 17 -13.67 -13.74 17.82
N GLY A 18 -14.74 -13.31 18.48
CA GLY A 18 -14.76 -11.96 19.03
C GLY A 18 -15.34 -10.92 18.09
N GLU A 19 -15.11 -9.66 18.45
CA GLU A 19 -15.60 -8.52 17.67
C GLU A 19 -14.73 -8.30 16.47
N PRO A 20 -15.25 -7.56 15.48
CA PRO A 20 -14.51 -7.27 14.25
C PRO A 20 -13.19 -6.59 14.52
N ARG A 21 -12.18 -6.99 13.78
CA ARG A 21 -10.88 -6.38 13.93
C ARG A 21 -10.89 -5.04 13.21
N PHE A 22 -10.25 -4.04 13.80
CA PHE A 22 -10.22 -2.72 13.20
C PHE A 22 -8.78 -2.24 13.09
N ILE A 23 -8.39 -1.86 11.88
CA ILE A 23 -7.05 -1.37 11.66
C ILE A 23 -7.11 -0.15 10.76
N THR A 24 -6.48 0.92 11.19
CA THR A 24 -6.45 2.14 10.40
C THR A 24 -5.05 2.72 10.44
N VAL A 25 -4.63 3.28 9.31
CA VAL A 25 -3.32 3.88 9.19
C VAL A 25 -3.42 5.20 8.45
N GLY A 26 -2.47 6.09 8.70
CA GLY A 26 -2.48 7.38 8.04
C GLY A 26 -1.23 7.62 7.23
N TYR A 27 -1.37 8.31 6.12
CA TYR A 27 -0.24 8.61 5.28
C TYR A 27 -0.29 10.03 4.78
N VAL A 28 0.90 10.51 4.42
CA VAL A 28 1.09 11.79 3.80
C VAL A 28 1.95 11.27 2.66
N ASP A 29 1.46 11.44 1.44
CA ASP A 29 2.16 10.93 0.27
C ASP A 29 2.43 9.43 0.47
N ASP A 30 3.67 8.96 0.39
CA ASP A 30 3.91 7.52 0.59
C ASP A 30 4.50 7.20 1.95
N THR A 31 4.40 8.15 2.87
CA THR A 31 4.95 7.98 4.20
C THR A 31 3.87 7.69 5.23
N LEU A 32 3.99 6.53 5.89
CA LEU A 32 3.06 6.14 6.93
C LEU A 32 3.41 6.99 8.16
N PHE A 33 2.42 7.57 8.85
CA PHE A 33 2.76 8.34 10.04
C PHE A 33 1.95 8.02 11.30
N VAL A 34 0.81 7.35 11.16
CA VAL A 34 0.04 6.96 12.34
C VAL A 34 -0.59 5.59 12.12
N ARG A 35 -0.83 4.88 13.21
CA ARG A 35 -1.45 3.55 13.13
C ARG A 35 -2.27 3.24 14.38
N PHE A 36 -3.28 2.40 14.19
CA PHE A 36 -4.15 1.95 15.25
C PHE A 36 -4.67 0.56 14.91
N ASP A 37 -4.48 -0.38 15.84
CA ASP A 37 -4.92 -1.76 15.68
C ASP A 37 -5.75 -2.15 16.91
N SER A 38 -7.01 -2.52 16.72
CA SER A 38 -7.87 -2.87 17.85
C SER A 38 -7.38 -4.10 18.63
N ASP A 39 -6.57 -4.94 18.01
CA ASP A 39 -6.07 -6.13 18.69
C ASP A 39 -4.84 -5.85 19.55
N ALA A 40 -4.29 -4.65 19.44
CA ALA A 40 -3.12 -4.30 20.24
C ALA A 40 -3.47 -4.37 21.73
N ALA A 41 -2.46 -4.65 22.56
CA ALA A 41 -2.64 -4.77 24.01
C ALA A 41 -3.52 -3.65 24.60
N SER A 42 -3.02 -2.42 24.55
CA SER A 42 -3.77 -1.27 25.05
C SER A 42 -3.91 -0.30 23.88
N PRO A 43 -4.90 -0.53 23.02
CA PRO A 43 -5.25 0.23 21.81
C PRO A 43 -5.18 1.75 21.86
N ARG A 44 -4.19 2.29 21.18
CA ARG A 44 -4.01 3.72 21.09
C ARG A 44 -3.41 4.06 19.73
N GLU A 45 -3.69 5.24 19.19
CA GLU A 45 -3.09 5.59 17.92
C GLU A 45 -1.63 5.90 18.19
N GLU A 46 -0.73 5.28 17.43
CA GLU A 46 0.69 5.48 17.65
C GLU A 46 1.39 6.16 16.47
N PRO A 47 2.45 6.92 16.76
CA PRO A 47 3.22 7.62 15.72
C PRO A 47 4.02 6.60 14.95
N ARG A 48 4.30 6.92 13.68
CA ARG A 48 5.08 6.03 12.82
C ARG A 48 6.07 6.82 11.97
N ALA A 49 6.21 8.10 12.28
CA ALA A 49 7.13 9.00 11.60
C ALA A 49 7.62 9.99 12.66
N PRO A 50 8.89 10.41 12.57
CA PRO A 50 9.48 11.35 13.53
C PRO A 50 8.80 12.71 13.66
N TRP A 51 8.36 13.27 12.54
CA TRP A 51 7.75 14.59 12.56
C TRP A 51 6.37 14.68 13.20
N ILE A 52 5.78 13.56 13.60
CA ILE A 52 4.45 13.60 14.21
C ILE A 52 4.55 13.40 15.73
N GLU A 53 5.73 13.04 16.21
CA GLU A 53 5.95 12.81 17.62
C GLU A 53 5.86 14.09 18.43
N GLN A 54 6.12 15.22 17.78
CA GLN A 54 6.07 16.50 18.45
C GLN A 54 4.67 16.89 18.87
N GLU A 55 3.66 16.24 18.30
CA GLU A 55 2.28 16.56 18.65
C GLU A 55 2.06 16.25 20.13
N GLY A 56 1.29 17.09 20.80
CA GLY A 56 1.02 16.92 22.22
C GLY A 56 -0.05 15.91 22.58
N PRO A 57 -0.18 15.56 23.87
CA PRO A 57 -1.16 14.60 24.37
C PRO A 57 -2.59 14.80 23.88
N GLU A 58 -3.05 16.05 23.83
CA GLU A 58 -4.40 16.33 23.38
C GLU A 58 -4.63 15.83 21.95
N TYR A 59 -3.56 15.81 21.16
CA TYR A 59 -3.65 15.34 19.78
C TYR A 59 -3.94 13.85 19.82
N TRP A 60 -3.07 13.13 20.50
CA TRP A 60 -3.19 11.70 20.60
C TRP A 60 -4.44 11.21 21.32
N ASP A 61 -4.85 11.92 22.37
CA ASP A 61 -6.06 11.55 23.10
C ASP A 61 -7.24 11.65 22.16
N ARG A 62 -7.26 12.71 21.36
CA ARG A 62 -8.35 12.93 20.41
C ARG A 62 -8.31 11.86 19.30
N GLU A 63 -7.15 11.66 18.69
CA GLU A 63 -7.01 10.65 17.64
C GLU A 63 -7.47 9.27 18.12
N THR A 64 -6.97 8.87 19.28
CA THR A 64 -7.32 7.57 19.85
C THR A 64 -8.82 7.45 20.06
N GLN A 65 -9.38 8.49 20.67
CA GLN A 65 -10.80 8.56 20.93
C GLN A 65 -11.54 8.38 19.62
N ILE A 66 -11.10 9.09 18.58
CA ILE A 66 -11.74 9.01 17.28
C ILE A 66 -11.66 7.62 16.63
N CYS A 67 -10.50 6.97 16.73
CA CYS A 67 -10.34 5.64 16.14
C CYS A 67 -11.25 4.61 16.81
N LYS A 68 -11.39 4.70 18.12
CA LYS A 68 -12.21 3.75 18.85
C LYS A 68 -13.67 3.86 18.45
N ALA A 69 -14.15 5.08 18.28
CA ALA A 69 -15.54 5.33 17.91
C ALA A 69 -15.76 4.82 16.49
N LYS A 70 -14.75 5.00 15.63
CA LYS A 70 -14.86 4.53 14.25
C LYS A 70 -14.96 3.01 14.30
N ALA A 71 -14.17 2.40 15.17
CA ALA A 71 -14.20 0.94 15.30
C ALA A 71 -15.63 0.54 15.65
N GLN A 72 -16.26 1.29 16.54
CA GLN A 72 -17.62 1.02 16.95
C GLN A 72 -18.62 1.20 15.82
N THR A 73 -18.45 2.28 15.06
CA THR A 73 -19.35 2.55 13.95
C THR A 73 -19.22 1.48 12.88
N ASP A 74 -17.99 1.09 12.57
CA ASP A 74 -17.77 0.05 11.57
C ASP A 74 -18.50 -1.22 12.01
N ARG A 75 -18.53 -1.48 13.31
CA ARG A 75 -19.22 -2.66 13.79
C ARG A 75 -20.71 -2.55 13.55
N GLU A 76 -21.27 -1.39 13.84
CA GLU A 76 -22.69 -1.21 13.62
C GLU A 76 -22.95 -1.27 12.11
N ASP A 77 -22.05 -0.70 11.32
CA ASP A 77 -22.21 -0.72 9.88
C ASP A 77 -22.10 -2.15 9.32
N LEU A 78 -21.23 -2.97 9.89
CA LEU A 78 -21.09 -4.35 9.42
C LEU A 78 -22.41 -5.09 9.60
N ARG A 79 -23.08 -4.87 10.74
CA ARG A 79 -24.36 -5.53 11.00
C ARG A 79 -25.38 -5.04 9.99
N THR A 80 -25.44 -3.73 9.78
CA THR A 80 -26.35 -3.14 8.82
C THR A 80 -26.14 -3.74 7.43
N LEU A 81 -24.90 -3.89 7.02
CA LEU A 81 -24.65 -4.47 5.71
C LEU A 81 -25.17 -5.90 5.59
N LEU A 82 -25.16 -6.67 6.69
CA LEU A 82 -25.68 -8.04 6.61
C LEU A 82 -27.15 -7.97 6.20
N ARG A 83 -27.88 -7.02 6.77
CA ARG A 83 -29.30 -6.83 6.45
C ARG A 83 -29.46 -6.42 4.99
N TYR A 84 -28.82 -5.31 4.62
CA TYR A 84 -28.89 -4.79 3.25
C TYR A 84 -28.61 -5.84 2.18
N TYR A 85 -27.83 -6.87 2.53
CA TYR A 85 -27.47 -7.91 1.60
C TYR A 85 -28.08 -9.28 1.91
N ASN A 86 -29.00 -9.32 2.87
CA ASN A 86 -29.65 -10.57 3.24
C ASN A 86 -28.61 -11.67 3.49
N GLN A 87 -27.58 -11.34 4.27
CA GLN A 87 -26.52 -12.32 4.57
C GLN A 87 -26.57 -12.89 5.98
N SER A 88 -25.87 -14.01 6.16
CA SER A 88 -25.78 -14.70 7.43
C SER A 88 -24.82 -14.03 8.40
N GLU A 89 -25.06 -14.24 9.70
CA GLU A 89 -24.20 -13.68 10.73
C GLU A 89 -23.03 -14.61 10.95
N ALA A 90 -23.02 -15.74 10.24
CA ALA A 90 -21.97 -16.74 10.38
C ALA A 90 -20.72 -16.49 9.56
N GLY A 91 -20.83 -15.66 8.53
CA GLY A 91 -19.67 -15.40 7.69
C GLY A 91 -18.87 -14.16 8.03
N SER A 92 -17.62 -14.14 7.56
CA SER A 92 -16.74 -13.00 7.80
C SER A 92 -16.91 -12.03 6.64
N HIS A 93 -16.93 -10.73 6.95
CA HIS A 93 -17.08 -9.71 5.94
C HIS A 93 -16.12 -8.54 6.19
N THR A 94 -15.92 -7.72 5.17
CA THR A 94 -14.99 -6.60 5.25
C THR A 94 -15.59 -5.27 4.82
N LEU A 95 -15.35 -4.25 5.64
CA LEU A 95 -15.81 -2.91 5.38
C LEU A 95 -14.56 -2.04 5.34
N GLN A 96 -14.33 -1.39 4.21
CA GLN A 96 -13.17 -0.52 4.03
C GLN A 96 -13.53 0.92 3.73
N ASN A 97 -12.77 1.85 4.30
CA ASN A 97 -13.00 3.27 4.06
C ASN A 97 -11.71 4.07 3.96
N MET A 98 -11.70 5.01 3.03
CA MET A 98 -10.57 5.88 2.82
C MET A 98 -11.09 7.29 2.57
N TYR A 99 -10.42 8.26 3.15
CA TYR A 99 -10.81 9.64 2.92
C TYR A 99 -9.55 10.45 3.05
N GLY A 100 -9.55 11.62 2.41
CA GLY A 100 -8.37 12.45 2.48
C GLY A 100 -8.41 13.58 1.46
N CYS A 101 -7.30 14.29 1.33
CA CYS A 101 -7.22 15.41 0.41
C CYS A 101 -5.90 15.53 -0.34
N ASP A 102 -5.95 16.25 -1.45
CA ASP A 102 -4.79 16.52 -2.28
C ASP A 102 -4.67 18.03 -2.39
N VAL A 103 -3.46 18.54 -2.27
CA VAL A 103 -3.21 19.96 -2.39
C VAL A 103 -2.10 20.17 -3.39
N GLY A 104 -2.14 21.31 -4.08
CA GLY A 104 -1.12 21.61 -5.07
C GLY A 104 0.05 22.36 -4.47
N PRO A 105 1.01 22.77 -5.31
CA PRO A 105 2.21 23.52 -4.89
C PRO A 105 1.88 24.76 -4.05
N ASP A 106 0.66 25.26 -4.17
CA ASP A 106 0.24 26.45 -3.42
C ASP A 106 -0.51 26.09 -2.14
N GLY A 107 -0.41 24.82 -1.74
CA GLY A 107 -1.07 24.37 -0.53
C GLY A 107 -2.58 24.50 -0.56
N ARG A 108 -3.14 24.56 -1.77
CA ARG A 108 -4.57 24.71 -1.96
C ARG A 108 -5.21 23.37 -2.34
N LEU A 109 -6.43 23.15 -1.88
CA LEU A 109 -7.15 21.91 -2.16
C LEU A 109 -7.31 21.60 -3.63
N LEU A 110 -6.78 20.47 -4.06
CA LEU A 110 -6.92 20.07 -5.45
C LEU A 110 -8.07 19.08 -5.56
N ARG A 111 -8.14 18.14 -4.62
CA ARG A 111 -9.17 17.11 -4.64
C ARG A 111 -9.41 16.51 -3.24
N GLY A 112 -10.65 16.12 -2.97
CA GLY A 112 -10.99 15.53 -1.68
C GLY A 112 -11.58 14.16 -1.91
N TYR A 113 -11.40 13.24 -0.95
CA TYR A 113 -11.91 11.86 -1.10
C TYR A 113 -12.65 11.28 0.10
N HIS A 114 -13.54 10.32 -0.20
CA HIS A 114 -14.31 9.60 0.81
C HIS A 114 -15.10 8.49 0.12
N GLN A 115 -14.52 7.29 0.14
CA GLN A 115 -15.12 6.12 -0.49
C GLN A 115 -15.17 4.92 0.43
N ASN A 116 -16.18 4.08 0.23
CA ASN A 116 -16.36 2.87 1.03
C ASN A 116 -16.46 1.63 0.14
N ALA A 117 -15.95 0.51 0.64
CA ALA A 117 -16.01 -0.74 -0.08
C ALA A 117 -16.44 -1.84 0.87
N TYR A 118 -17.31 -2.71 0.37
CA TYR A 118 -17.79 -3.83 1.16
C TYR A 118 -17.29 -5.11 0.48
N ASP A 119 -16.58 -5.95 1.25
CA ASP A 119 -16.02 -7.20 0.75
C ASP A 119 -15.17 -7.05 -0.52
N GLY A 120 -14.43 -5.95 -0.61
CA GLY A 120 -13.59 -5.72 -1.77
C GLY A 120 -14.20 -4.94 -2.93
N LYS A 121 -15.52 -4.77 -2.94
CA LYS A 121 -16.14 -4.06 -4.04
C LYS A 121 -16.62 -2.67 -3.66
N ASP A 122 -16.58 -1.77 -4.65
CA ASP A 122 -17.04 -0.40 -4.47
C ASP A 122 -18.43 -0.43 -3.85
N TYR A 123 -18.68 0.47 -2.90
CA TYR A 123 -19.98 0.52 -2.26
C TYR A 123 -20.59 1.90 -2.49
N ILE A 124 -20.02 2.91 -1.85
CA ILE A 124 -20.52 4.26 -2.02
C ILE A 124 -19.31 5.23 -1.99
N ALA A 125 -19.38 6.28 -2.79
CA ALA A 125 -18.29 7.23 -2.85
C ALA A 125 -18.76 8.67 -2.99
N LEU A 126 -18.07 9.59 -2.31
CA LEU A 126 -18.40 11.01 -2.38
C LEU A 126 -17.82 11.47 -3.71
N ASN A 127 -18.60 12.21 -4.49
CA ASN A 127 -18.11 12.69 -5.77
C ASN A 127 -17.13 13.84 -5.63
N GLU A 128 -16.29 14.01 -6.65
CA GLU A 128 -15.28 15.06 -6.67
C GLU A 128 -15.88 16.42 -6.35
N ASP A 129 -17.20 16.55 -6.47
CA ASP A 129 -17.87 17.82 -6.16
C ASP A 129 -18.07 17.98 -4.67
N LEU A 130 -17.71 16.94 -3.92
CA LEU A 130 -17.84 16.93 -2.45
C LEU A 130 -19.23 17.33 -1.99
N SER A 131 -20.24 16.92 -2.73
CA SER A 131 -21.61 17.24 -2.39
C SER A 131 -22.61 16.24 -2.95
N SER A 132 -22.15 15.35 -3.82
CA SER A 132 -23.03 14.34 -4.40
C SER A 132 -22.43 12.94 -4.24
N TRP A 133 -23.29 11.93 -4.27
CA TRP A 133 -22.83 10.55 -4.09
C TRP A 133 -23.00 9.62 -5.28
N THR A 134 -22.19 8.56 -5.28
CA THR A 134 -22.26 7.53 -6.30
C THR A 134 -22.35 6.19 -5.59
N ALA A 135 -23.51 5.56 -5.73
CA ALA A 135 -23.80 4.25 -5.14
C ALA A 135 -23.60 3.15 -6.18
N ALA A 136 -22.92 2.09 -5.80
CA ALA A 136 -22.65 1.00 -6.72
C ALA A 136 -23.83 0.03 -6.95
N ASP A 137 -24.75 -0.06 -5.99
CA ASP A 137 -25.89 -0.96 -6.13
C ASP A 137 -27.06 -0.43 -5.31
N THR A 138 -28.18 -1.16 -5.32
CA THR A 138 -29.37 -0.72 -4.60
C THR A 138 -29.21 -0.66 -3.09
N ALA A 139 -28.38 -1.54 -2.54
CA ALA A 139 -28.12 -1.51 -1.10
C ALA A 139 -27.42 -0.17 -0.78
N ALA A 140 -26.38 0.15 -1.53
CA ALA A 140 -25.64 1.39 -1.33
C ALA A 140 -26.54 2.60 -1.55
N GLN A 141 -27.62 2.39 -2.31
CA GLN A 141 -28.55 3.48 -2.55
C GLN A 141 -29.30 3.81 -1.25
N ILE A 142 -29.52 2.80 -0.40
CA ILE A 142 -30.19 3.02 0.87
C ILE A 142 -29.33 4.03 1.63
N THR A 143 -28.04 3.74 1.71
CA THR A 143 -27.08 4.62 2.38
C THR A 143 -27.10 6.02 1.77
N GLN A 144 -27.10 6.12 0.43
CA GLN A 144 -27.10 7.42 -0.23
C GLN A 144 -28.29 8.27 0.25
N ARG A 145 -29.46 7.65 0.34
CA ARG A 145 -30.66 8.35 0.78
C ARG A 145 -30.56 8.80 2.23
N LYS A 146 -29.93 7.99 3.09
CA LYS A 146 -29.78 8.37 4.48
C LYS A 146 -28.77 9.51 4.60
N TRP A 147 -27.70 9.41 3.82
CA TRP A 147 -26.67 10.44 3.84
C TRP A 147 -27.12 11.76 3.21
N GLU A 148 -28.01 11.69 2.23
CA GLU A 148 -28.49 12.91 1.60
C GLU A 148 -29.44 13.61 2.56
N ALA A 149 -30.24 12.82 3.29
CA ALA A 149 -31.18 13.38 4.24
C ALA A 149 -30.44 13.94 5.46
N ALA A 150 -29.33 13.31 5.83
CA ALA A 150 -28.56 13.77 6.97
C ALA A 150 -27.53 14.81 6.52
N ARG A 151 -27.43 15.01 5.21
CA ARG A 151 -26.50 15.97 4.65
C ARG A 151 -25.08 15.72 5.14
N VAL A 152 -24.60 14.51 4.92
CA VAL A 152 -23.26 14.14 5.33
C VAL A 152 -22.21 14.79 4.43
N ALA A 153 -22.54 14.92 3.15
CA ALA A 153 -21.61 15.53 2.22
C ALA A 153 -21.11 16.88 2.72
N GLU A 154 -22.02 17.73 3.15
CA GLU A 154 -21.64 19.05 3.64
C GLU A 154 -20.64 19.00 4.79
N GLN A 155 -20.80 18.04 5.68
CA GLN A 155 -19.88 17.93 6.80
C GLN A 155 -18.52 17.48 6.30
N LEU A 156 -18.52 16.52 5.38
CA LEU A 156 -17.27 16.02 4.84
C LEU A 156 -16.58 17.13 4.07
N ARG A 157 -17.32 17.78 3.17
CA ARG A 157 -16.77 18.87 2.39
C ARG A 157 -16.07 19.87 3.29
N ALA A 158 -16.78 20.34 4.33
CA ALA A 158 -16.23 21.32 5.26
C ALA A 158 -14.87 20.88 5.80
N TYR A 159 -14.78 19.62 6.20
CA TYR A 159 -13.53 19.05 6.74
C TYR A 159 -12.42 18.98 5.69
N LEU A 160 -12.75 18.40 4.53
CA LEU A 160 -11.80 18.26 3.43
C LEU A 160 -11.27 19.58 2.92
N GLU A 161 -12.13 20.59 2.87
CA GLU A 161 -11.71 21.91 2.41
C GLU A 161 -10.94 22.67 3.48
N GLY A 162 -11.25 22.39 4.75
CA GLY A 162 -10.58 23.10 5.82
C GLY A 162 -9.51 22.35 6.57
N GLU A 163 -9.92 21.64 7.62
CA GLU A 163 -8.98 20.90 8.44
C GLU A 163 -8.04 20.00 7.65
N CYS A 164 -8.58 19.21 6.72
CA CYS A 164 -7.75 18.30 5.95
C CYS A 164 -6.53 18.97 5.32
N VAL A 165 -6.77 20.04 4.55
CA VAL A 165 -5.68 20.74 3.89
C VAL A 165 -4.80 21.51 4.89
N GLU A 166 -5.41 22.05 5.94
CA GLU A 166 -4.64 22.78 6.93
C GLU A 166 -3.71 21.92 7.79
N TRP A 167 -4.13 20.70 8.15
CA TRP A 167 -3.25 19.85 8.94
C TRP A 167 -2.21 19.23 8.05
N LEU A 168 -2.56 19.00 6.79
CA LEU A 168 -1.63 18.42 5.85
C LEU A 168 -0.48 19.40 5.67
N ARG A 169 -0.81 20.66 5.46
CA ARG A 169 0.22 21.69 5.28
C ARG A 169 1.11 21.73 6.50
N ARG A 170 0.51 21.57 7.68
CA ARG A 170 1.25 21.56 8.94
C ARG A 170 2.24 20.40 8.95
N TYR A 171 1.78 19.21 8.56
CA TYR A 171 2.66 18.05 8.54
C TYR A 171 3.79 18.23 7.52
N LEU A 172 3.47 18.92 6.42
CA LEU A 172 4.45 19.16 5.38
C LEU A 172 5.57 20.08 5.86
N GLU A 173 5.23 21.08 6.69
CA GLU A 173 6.23 21.98 7.20
C GLU A 173 7.07 21.28 8.29
N ASN A 174 6.40 20.56 9.18
CA ASN A 174 7.10 19.87 10.25
C ASN A 174 7.99 18.72 9.77
N GLY A 175 7.64 18.10 8.66
CA GLY A 175 8.45 17.00 8.15
C GLY A 175 9.07 17.28 6.80
N LYS A 176 9.26 18.55 6.49
CA LYS A 176 9.85 18.94 5.21
C LYS A 176 11.19 18.28 4.89
N GLU A 177 11.94 17.94 5.93
CA GLU A 177 13.23 17.30 5.75
C GLU A 177 13.07 16.01 4.94
N THR A 178 11.95 15.34 5.13
CA THR A 178 11.70 14.09 4.45
C THR A 178 10.51 14.15 3.51
N LEU A 179 9.44 14.81 3.95
CA LEU A 179 8.23 14.91 3.16
C LEU A 179 8.37 15.79 1.91
N GLN A 180 9.35 16.69 1.90
CA GLN A 180 9.53 17.53 0.73
C GLN A 180 10.87 17.26 0.07
N ARG A 181 11.34 16.04 0.19
CA ARG A 181 12.61 15.61 -0.41
C ARG A 181 12.41 14.39 -1.28
N ALA A 182 12.64 14.54 -2.58
CA ALA A 182 12.51 13.41 -3.49
C ALA A 182 13.84 12.67 -3.54
N ASP A 183 13.81 11.36 -3.36
CA ASP A 183 15.02 10.55 -3.44
C ASP A 183 15.02 9.94 -4.83
N PRO A 184 15.93 10.38 -5.70
CA PRO A 184 15.99 9.85 -7.06
C PRO A 184 16.42 8.39 -7.04
N PRO A 185 15.91 7.59 -7.97
CA PRO A 185 16.27 6.18 -8.02
C PRO A 185 17.70 5.98 -8.49
N LYS A 186 18.42 5.07 -7.85
CA LYS A 186 19.77 4.75 -8.27
C LYS A 186 19.51 3.60 -9.23
N THR A 187 20.01 3.71 -10.45
CA THR A 187 19.72 2.71 -11.45
C THR A 187 20.89 1.98 -12.11
N HIS A 188 20.57 0.86 -12.75
CA HIS A 188 21.56 0.05 -13.48
C HIS A 188 20.86 -1.10 -14.21
N VAL A 189 21.56 -1.74 -15.14
CA VAL A 189 21.00 -2.85 -15.90
C VAL A 189 21.78 -4.13 -15.70
N THR A 190 21.08 -5.25 -15.53
CA THR A 190 21.75 -6.54 -15.37
C THR A 190 21.46 -7.42 -16.59
N HIS A 191 22.30 -8.42 -16.81
CA HIS A 191 22.18 -9.31 -17.95
C HIS A 191 22.26 -10.77 -17.49
N HIS A 192 21.25 -11.56 -17.85
CA HIS A 192 21.24 -12.96 -17.44
C HIS A 192 20.95 -13.87 -18.63
N PRO A 193 21.98 -14.55 -19.17
CA PRO A 193 21.75 -15.43 -20.30
C PRO A 193 20.73 -16.49 -19.90
N ILE A 194 19.79 -16.78 -20.79
CA ILE A 194 18.77 -17.78 -20.49
C ILE A 194 19.07 -19.07 -21.23
N SER A 195 19.74 -18.92 -22.37
CA SER A 195 20.11 -20.06 -23.21
C SER A 195 21.05 -19.47 -24.24
N ASP A 196 21.49 -20.27 -25.20
CA ASP A 196 22.39 -19.74 -26.20
C ASP A 196 21.72 -18.77 -27.17
N HIS A 197 20.39 -18.78 -27.18
CA HIS A 197 19.62 -17.94 -28.09
C HIS A 197 19.09 -16.65 -27.48
N GLU A 198 18.93 -16.61 -26.16
CA GLU A 198 18.41 -15.40 -25.59
C GLU A 198 18.83 -15.07 -24.16
N ALA A 199 18.64 -13.82 -23.79
CA ALA A 199 19.03 -13.36 -22.48
C ALA A 199 18.05 -12.36 -21.88
N THR A 200 18.09 -12.23 -20.57
CA THR A 200 17.22 -11.32 -19.85
C THR A 200 17.93 -10.01 -19.53
N LEU A 201 17.32 -8.90 -19.90
CA LEU A 201 17.87 -7.60 -19.59
C LEU A 201 16.94 -7.07 -18.52
N ARG A 202 17.50 -6.74 -17.36
CA ARG A 202 16.69 -6.23 -16.26
C ARG A 202 17.15 -4.86 -15.81
N CYS A 203 16.23 -3.92 -15.84
CA CYS A 203 16.51 -2.55 -15.46
C CYS A 203 16.04 -2.30 -14.03
N TRP A 204 16.97 -1.91 -13.17
CA TRP A 204 16.67 -1.66 -11.76
C TRP A 204 16.54 -0.20 -11.36
N ALA A 205 15.72 0.03 -10.33
CA ALA A 205 15.49 1.33 -9.74
C ALA A 205 15.37 1.08 -8.25
N LEU A 206 16.33 1.58 -7.48
CA LEU A 206 16.34 1.37 -6.04
C LEU A 206 16.44 2.63 -5.18
N GLY A 207 16.04 2.48 -3.92
CA GLY A 207 16.08 3.57 -2.99
C GLY A 207 15.40 4.85 -3.44
N PHE A 208 14.27 4.74 -4.12
CA PHE A 208 13.60 5.95 -4.56
C PHE A 208 12.37 6.30 -3.74
N TYR A 209 12.06 7.59 -3.72
CA TYR A 209 10.91 8.12 -3.01
C TYR A 209 10.57 9.44 -3.67
N PRO A 210 9.27 9.68 -3.93
CA PRO A 210 8.14 8.79 -3.64
C PRO A 210 8.07 7.54 -4.53
N ALA A 211 7.04 6.73 -4.33
CA ALA A 211 6.83 5.49 -5.09
C ALA A 211 6.57 5.69 -6.57
N GLU A 212 5.82 6.73 -6.91
CA GLU A 212 5.49 7.03 -8.31
C GLU A 212 6.73 6.97 -9.18
N ILE A 213 6.70 6.11 -10.20
CA ILE A 213 7.84 5.95 -11.08
C ILE A 213 7.48 5.27 -12.39
N THR A 214 8.20 5.64 -13.45
CA THR A 214 7.98 5.07 -14.76
C THR A 214 9.25 4.41 -15.22
N LEU A 215 9.13 3.15 -15.62
CA LEU A 215 10.26 2.37 -16.07
C LEU A 215 9.82 1.69 -17.35
N THR A 216 10.56 1.89 -18.43
CA THR A 216 10.20 1.27 -19.69
C THR A 216 11.40 0.83 -20.52
N TRP A 217 11.20 -0.26 -21.27
CA TRP A 217 12.23 -0.78 -22.15
C TRP A 217 11.84 -0.43 -23.58
N GLN A 218 12.85 -0.16 -24.41
CA GLN A 218 12.64 0.15 -25.81
C GLN A 218 13.54 -0.73 -26.68
N ARG A 219 12.99 -1.20 -27.80
CA ARG A 219 13.72 -2.01 -28.77
C ARG A 219 13.75 -1.11 -29.99
N ASP A 220 14.94 -0.66 -30.37
CA ASP A 220 15.09 0.22 -31.51
C ASP A 220 14.22 1.45 -31.31
N GLY A 221 14.13 1.92 -30.07
CA GLY A 221 13.34 3.10 -29.77
C GLY A 221 11.83 2.90 -29.67
N GLU A 222 11.37 1.67 -29.82
CA GLU A 222 9.94 1.36 -29.73
C GLU A 222 9.66 0.71 -28.37
N ASP A 223 8.67 1.24 -27.66
CA ASP A 223 8.28 0.75 -26.34
C ASP A 223 7.83 -0.72 -26.42
N GLN A 224 8.40 -1.54 -25.56
CA GLN A 224 8.06 -2.95 -25.52
C GLN A 224 6.89 -3.18 -24.57
N THR A 225 5.87 -2.36 -24.75
CA THR A 225 4.65 -2.38 -23.95
C THR A 225 4.09 -3.78 -23.70
N GLN A 226 3.94 -4.56 -24.75
CA GLN A 226 3.40 -5.89 -24.62
C GLN A 226 4.47 -6.97 -24.43
N ASP A 227 5.71 -6.55 -24.17
CA ASP A 227 6.77 -7.53 -23.99
C ASP A 227 7.71 -7.20 -22.83
N THR A 228 7.19 -6.45 -21.87
CA THR A 228 7.97 -6.05 -20.71
C THR A 228 7.39 -6.61 -19.42
N GLU A 229 8.20 -7.37 -18.67
CA GLU A 229 7.74 -7.88 -17.39
C GLU A 229 8.04 -6.77 -16.39
N LEU A 230 7.00 -6.27 -15.75
CA LEU A 230 7.12 -5.17 -14.81
C LEU A 230 6.61 -5.55 -13.42
N VAL A 231 7.49 -5.71 -12.44
CA VAL A 231 7.02 -6.05 -11.10
C VAL A 231 6.41 -4.83 -10.42
N GLU A 232 5.59 -5.09 -9.41
CA GLU A 232 4.93 -4.05 -8.66
C GLU A 232 5.91 -3.28 -7.78
N THR A 233 5.79 -1.96 -7.78
CA THR A 233 6.69 -1.13 -6.96
C THR A 233 6.59 -1.67 -5.54
N ARG A 234 7.73 -1.93 -4.93
CA ARG A 234 7.77 -2.51 -3.59
C ARG A 234 8.54 -1.67 -2.57
N PRO A 235 8.18 -1.78 -1.29
CA PRO A 235 8.87 -1.01 -0.25
C PRO A 235 10.14 -1.69 0.21
N ALA A 236 11.19 -0.90 0.39
CA ALA A 236 12.46 -1.43 0.85
C ALA A 236 12.39 -1.69 2.35
N GLY A 237 11.46 -1.03 3.02
CA GLY A 237 11.34 -1.21 4.47
C GLY A 237 12.03 -0.08 5.20
N ASP A 238 12.79 0.72 4.47
CA ASP A 238 13.51 1.85 5.03
C ASP A 238 12.84 3.14 4.58
N ARG A 239 11.61 3.02 4.08
CA ARG A 239 10.80 4.13 3.59
C ARG A 239 10.90 4.34 2.08
N THR A 240 11.95 3.81 1.45
CA THR A 240 12.08 3.99 0.00
C THR A 240 11.47 2.82 -0.74
N PHE A 241 11.46 2.88 -2.06
CA PHE A 241 10.86 1.82 -2.85
C PHE A 241 11.82 1.25 -3.89
N GLN A 242 11.40 0.15 -4.50
CA GLN A 242 12.19 -0.53 -5.53
C GLN A 242 11.27 -0.98 -6.63
N LYS A 243 11.85 -1.25 -7.79
CA LYS A 243 11.09 -1.73 -8.93
C LYS A 243 12.04 -2.16 -10.03
N TRP A 244 11.59 -3.07 -10.88
CA TRP A 244 12.40 -3.46 -12.01
C TRP A 244 11.56 -3.85 -13.20
N ALA A 245 12.18 -3.79 -14.37
CA ALA A 245 11.52 -4.12 -15.62
C ALA A 245 12.47 -5.01 -16.40
N ALA A 246 11.93 -6.03 -17.04
CA ALA A 246 12.76 -6.95 -17.79
C ALA A 246 12.18 -7.34 -19.14
N VAL A 247 13.08 -7.71 -20.03
CA VAL A 247 12.69 -8.14 -21.37
C VAL A 247 13.63 -9.25 -21.80
N VAL A 248 13.06 -10.28 -22.43
CA VAL A 248 13.84 -11.41 -22.94
C VAL A 248 14.29 -10.94 -24.31
N VAL A 249 15.59 -10.89 -24.50
CA VAL A 249 16.17 -10.39 -25.73
C VAL A 249 16.91 -11.44 -26.58
N PRO A 250 16.96 -11.24 -27.90
CA PRO A 250 17.69 -12.24 -28.69
C PRO A 250 19.16 -11.94 -28.45
N SER A 251 19.95 -12.96 -28.09
CA SER A 251 21.38 -12.76 -27.84
C SER A 251 22.02 -12.09 -29.05
N GLY A 252 22.84 -11.09 -28.80
CA GLY A 252 23.49 -10.39 -29.89
C GLY A 252 22.75 -9.11 -30.25
N GLU A 253 21.55 -8.94 -29.72
CA GLU A 253 20.81 -7.71 -30.01
C GLU A 253 20.63 -6.86 -28.76
N GLU A 254 21.39 -7.16 -27.71
CA GLU A 254 21.28 -6.41 -26.45
C GLU A 254 21.41 -4.91 -26.61
N GLN A 255 22.31 -4.47 -27.48
CA GLN A 255 22.53 -3.05 -27.69
C GLN A 255 21.41 -2.29 -28.38
N ARG A 256 20.35 -3.00 -28.76
CA ARG A 256 19.23 -2.37 -29.44
C ARG A 256 18.13 -1.99 -28.44
N TYR A 257 18.37 -2.32 -27.17
CA TYR A 257 17.43 -2.02 -26.11
C TYR A 257 17.90 -0.92 -25.17
N THR A 258 16.98 -0.03 -24.81
CA THR A 258 17.28 1.07 -23.91
C THR A 258 16.24 1.11 -22.80
N CYS A 259 16.69 1.47 -21.60
CA CYS A 259 15.80 1.56 -20.48
C CYS A 259 15.59 3.03 -20.20
N HIS A 260 14.35 3.41 -19.92
CA HIS A 260 14.03 4.81 -19.65
C HIS A 260 13.41 4.95 -18.28
N VAL A 261 14.04 5.77 -17.46
CA VAL A 261 13.56 5.98 -16.11
C VAL A 261 13.11 7.42 -15.85
N GLN A 262 11.86 7.55 -15.43
CA GLN A 262 11.28 8.84 -15.11
C GLN A 262 10.92 8.85 -13.63
N HIS A 263 11.36 9.90 -12.93
CA HIS A 263 11.06 10.01 -11.51
C HIS A 263 11.17 11.46 -11.06
N GLU A 264 10.23 11.85 -10.22
CA GLU A 264 10.18 13.22 -9.68
C GLU A 264 11.52 13.68 -9.13
N GLY A 265 12.36 12.74 -8.74
CA GLY A 265 13.66 13.09 -8.18
C GLY A 265 14.76 13.28 -9.21
N LEU A 266 14.45 12.96 -10.47
CA LEU A 266 15.43 13.10 -11.54
C LEU A 266 15.22 14.38 -12.33
N PRO A 267 16.28 15.18 -12.49
CA PRO A 267 16.14 16.43 -13.25
C PRO A 267 15.72 16.11 -14.68
N LYS A 268 16.26 15.02 -15.21
CA LYS A 268 15.94 14.57 -16.55
C LYS A 268 15.65 13.08 -16.53
N PRO A 269 14.85 12.58 -17.50
CA PRO A 269 14.53 11.16 -17.55
C PRO A 269 15.82 10.44 -17.91
N LEU A 270 16.07 9.31 -17.28
CA LEU A 270 17.29 8.56 -17.57
C LEU A 270 17.08 7.50 -18.64
N THR A 271 18.14 7.21 -19.38
CA THR A 271 18.11 6.17 -20.39
C THR A 271 19.36 5.33 -20.14
N LEU A 272 19.18 4.04 -19.95
CA LEU A 272 20.31 3.15 -19.70
C LEU A 272 20.44 2.07 -20.74
N ARG A 273 21.66 1.55 -20.85
CA ARG A 273 21.99 0.48 -21.78
C ARG A 273 22.86 -0.53 -21.06
N TRP A 274 22.82 -1.78 -21.48
CA TRP A 274 23.67 -2.78 -20.85
C TRP A 274 25.07 -2.57 -21.39
N GLU A 275 26.00 -2.27 -20.50
CA GLU A 275 27.37 -2.04 -20.90
C GLU A 275 28.36 -2.93 -20.16
N PRO A 276 28.84 -3.99 -20.83
CA PRO A 276 29.80 -4.96 -20.25
C PRO A 276 31.19 -4.36 -20.07
N MET B 1 -18.97 -14.01 -3.77
CA MET B 1 -17.78 -13.25 -3.26
C MET B 1 -16.63 -13.28 -4.27
N ILE B 2 -15.85 -12.20 -4.32
CA ILE B 2 -14.72 -12.10 -5.22
C ILE B 2 -13.42 -12.23 -4.43
N GLN B 3 -12.62 -13.25 -4.75
CA GLN B 3 -11.37 -13.50 -4.06
C GLN B 3 -10.16 -13.27 -4.96
N ARG B 4 -9.19 -12.53 -4.44
CA ARG B 4 -8.00 -12.19 -5.20
C ARG B 4 -6.71 -12.75 -4.56
N THR B 5 -6.01 -13.59 -5.31
CA THR B 5 -4.79 -14.22 -4.83
C THR B 5 -3.70 -13.19 -4.62
N PRO B 6 -2.87 -13.39 -3.60
CA PRO B 6 -1.80 -12.41 -3.36
C PRO B 6 -0.65 -12.56 -4.34
N LYS B 7 -0.01 -11.44 -4.64
CA LYS B 7 1.17 -11.46 -5.49
C LYS B 7 2.25 -11.58 -4.43
N ILE B 8 3.34 -12.27 -4.75
CA ILE B 8 4.41 -12.44 -3.78
C ILE B 8 5.76 -11.99 -4.33
N GLN B 9 6.52 -11.26 -3.51
CA GLN B 9 7.85 -10.81 -3.93
C GLN B 9 8.80 -10.95 -2.74
N VAL B 10 9.81 -11.79 -2.88
CA VAL B 10 10.78 -11.97 -1.81
C VAL B 10 12.08 -11.38 -2.29
N TYR B 11 12.62 -10.43 -1.55
CA TYR B 11 13.85 -9.75 -1.93
C TYR B 11 14.52 -9.16 -0.69
N SER B 12 15.72 -8.60 -0.87
CA SER B 12 16.43 -7.99 0.25
C SER B 12 16.35 -6.46 0.16
N ARG B 13 16.48 -5.81 1.31
CA ARG B 13 16.42 -4.36 1.37
C ARG B 13 17.59 -3.72 0.62
N HIS B 14 18.76 -4.35 0.73
CA HIS B 14 19.96 -3.88 0.08
C HIS B 14 20.55 -5.01 -0.76
N PRO B 15 21.37 -4.67 -1.76
CA PRO B 15 21.98 -5.70 -2.62
C PRO B 15 22.71 -6.74 -1.77
N ALA B 16 22.40 -8.00 -2.00
CA ALA B 16 23.01 -9.10 -1.26
C ALA B 16 24.54 -9.04 -1.25
N GLU B 17 25.12 -9.37 -0.11
CA GLU B 17 26.56 -9.35 0.06
C GLU B 17 26.87 -10.36 1.15
N ASN B 18 27.21 -11.57 0.76
CA ASN B 18 27.50 -12.63 1.71
C ASN B 18 28.31 -12.15 2.90
N GLY B 19 27.85 -12.51 4.09
CA GLY B 19 28.54 -12.10 5.30
C GLY B 19 28.13 -10.73 5.81
N LYS B 20 27.38 -9.98 5.02
CA LYS B 20 26.96 -8.64 5.44
C LYS B 20 25.46 -8.59 5.80
N SER B 21 25.18 -8.09 7.00
CA SER B 21 23.81 -8.00 7.51
C SER B 21 22.87 -7.23 6.59
N ASN B 22 21.63 -7.69 6.48
CA ASN B 22 20.66 -7.07 5.59
C ASN B 22 19.25 -7.33 6.13
N PHE B 23 18.24 -7.18 5.27
CA PHE B 23 16.87 -7.44 5.65
C PHE B 23 16.22 -8.25 4.55
N LEU B 24 15.56 -9.33 4.92
CA LEU B 24 14.85 -10.17 3.97
C LEU B 24 13.40 -9.71 3.97
N ASN B 25 12.85 -9.41 2.80
CA ASN B 25 11.47 -8.95 2.70
C ASN B 25 10.56 -9.85 1.87
N CYS B 26 9.33 -10.00 2.32
CA CYS B 26 8.33 -10.73 1.57
C CYS B 26 7.11 -9.83 1.49
N TYR B 27 6.93 -9.23 0.33
CA TYR B 27 5.84 -8.31 0.08
C TYR B 27 4.69 -9.04 -0.59
N VAL B 28 3.52 -8.98 0.05
CA VAL B 28 2.33 -9.61 -0.50
C VAL B 28 1.33 -8.50 -0.78
N SER B 29 0.81 -8.48 -1.99
CA SER B 29 -0.13 -7.44 -2.37
C SER B 29 -1.20 -7.94 -3.31
N GLY B 30 -2.14 -7.04 -3.62
CA GLY B 30 -3.23 -7.37 -4.53
C GLY B 30 -4.14 -8.49 -4.10
N PHE B 31 -4.15 -8.84 -2.82
CA PHE B 31 -5.00 -9.94 -2.37
C PHE B 31 -6.24 -9.50 -1.62
N HIS B 32 -7.23 -10.39 -1.60
CA HIS B 32 -8.47 -10.12 -0.91
C HIS B 32 -9.22 -11.44 -0.76
N PRO B 33 -9.75 -11.74 0.44
CA PRO B 33 -9.72 -10.96 1.69
C PRO B 33 -8.36 -10.84 2.36
N SER B 34 -8.36 -10.12 3.47
CA SER B 34 -7.15 -9.84 4.25
C SER B 34 -6.55 -10.98 5.07
N ASP B 35 -7.32 -12.05 5.26
CA ASP B 35 -6.83 -13.19 6.02
C ASP B 35 -5.67 -13.79 5.27
N ILE B 36 -4.50 -13.84 5.90
CA ILE B 36 -3.35 -14.38 5.21
C ILE B 36 -2.24 -14.86 6.13
N GLU B 37 -1.61 -15.98 5.76
CA GLU B 37 -0.52 -16.56 6.52
C GLU B 37 0.76 -16.39 5.73
N VAL B 38 1.76 -15.80 6.37
CA VAL B 38 3.05 -15.57 5.72
C VAL B 38 4.20 -15.96 6.63
N ASP B 39 5.14 -16.72 6.08
CA ASP B 39 6.31 -17.15 6.82
C ASP B 39 7.56 -17.01 5.97
N LEU B 40 8.66 -16.63 6.62
CA LEU B 40 9.94 -16.51 5.93
C LEU B 40 10.68 -17.76 6.37
N LEU B 41 11.41 -18.38 5.45
CA LEU B 41 12.12 -19.60 5.78
C LEU B 41 13.61 -19.61 5.47
N LYS B 42 14.37 -20.29 6.31
CA LYS B 42 15.81 -20.44 6.12
C LYS B 42 16.05 -21.92 6.03
N ASN B 43 16.36 -22.38 4.81
CA ASN B 43 16.61 -23.79 4.58
C ASN B 43 15.38 -24.61 4.99
N GLY B 44 14.21 -24.19 4.50
CA GLY B 44 12.98 -24.89 4.80
C GLY B 44 12.38 -24.72 6.19
N GLU B 45 13.13 -24.13 7.11
CA GLU B 45 12.66 -23.94 8.47
C GLU B 45 12.13 -22.53 8.72
N ARG B 46 11.05 -22.43 9.48
CA ARG B 46 10.45 -21.14 9.79
C ARG B 46 11.37 -20.29 10.66
N ILE B 47 11.36 -18.99 10.40
CA ILE B 47 12.18 -18.05 11.15
C ILE B 47 11.35 -17.37 12.22
N GLU B 48 11.87 -17.32 13.44
CA GLU B 48 11.18 -16.65 14.54
C GLU B 48 11.44 -15.16 14.41
N LYS B 49 10.82 -14.36 15.26
CA LYS B 49 11.03 -12.92 15.22
C LYS B 49 10.95 -12.34 13.80
N VAL B 50 9.75 -12.36 13.24
CA VAL B 50 9.51 -11.80 11.92
C VAL B 50 8.45 -10.75 12.16
N GLU B 51 8.67 -9.54 11.65
CA GLU B 51 7.70 -8.48 11.85
C GLU B 51 6.98 -8.16 10.56
N HIS B 52 5.89 -7.42 10.68
CA HIS B 52 5.12 -7.05 9.51
C HIS B 52 4.40 -5.72 9.68
N SER B 53 4.18 -5.05 8.55
CA SER B 53 3.49 -3.78 8.51
C SER B 53 2.03 -3.98 8.84
N ASP B 54 1.35 -2.90 9.20
CA ASP B 54 -0.08 -2.96 9.53
C ASP B 54 -0.87 -2.99 8.24
N LEU B 55 -1.92 -3.80 8.22
CA LEU B 55 -2.73 -3.92 7.03
C LEU B 55 -3.07 -2.58 6.38
N SER B 56 -2.89 -2.53 5.06
CA SER B 56 -3.20 -1.33 4.28
C SER B 56 -3.72 -1.82 2.94
N PHE B 57 -4.23 -0.92 2.12
CA PHE B 57 -4.76 -1.34 0.83
C PHE B 57 -4.59 -0.31 -0.28
N SER B 58 -4.55 -0.81 -1.51
CA SER B 58 -4.37 -0.01 -2.71
C SER B 58 -5.69 0.58 -3.22
N LYS B 59 -5.62 1.37 -4.29
CA LYS B 59 -6.79 2.03 -4.88
C LYS B 59 -7.91 1.08 -5.29
N ASP B 60 -7.55 -0.13 -5.68
CA ASP B 60 -8.54 -1.11 -6.10
C ASP B 60 -9.01 -1.89 -4.88
N TRP B 61 -8.72 -1.35 -3.69
CA TRP B 61 -9.11 -1.96 -2.43
C TRP B 61 -8.36 -3.25 -2.03
N SER B 62 -7.51 -3.77 -2.92
CA SER B 62 -6.79 -4.99 -2.60
C SER B 62 -5.75 -4.68 -1.53
N PHE B 63 -5.49 -5.66 -0.67
CA PHE B 63 -4.57 -5.51 0.45
C PHE B 63 -3.09 -5.75 0.16
N TYR B 64 -2.23 -5.16 0.99
CA TYR B 64 -0.80 -5.36 0.85
C TYR B 64 -0.13 -5.36 2.22
N LEU B 65 0.93 -6.15 2.35
CA LEU B 65 1.66 -6.25 3.61
C LEU B 65 3.14 -6.51 3.38
N LEU B 66 3.96 -6.04 4.29
CA LEU B 66 5.40 -6.28 4.20
C LEU B 66 5.85 -7.09 5.40
N TYR B 67 6.38 -8.28 5.15
CA TYR B 67 6.91 -9.12 6.23
C TYR B 67 8.42 -8.99 6.08
N TYR B 68 9.12 -8.80 7.19
CA TYR B 68 10.56 -8.64 7.12
C TYR B 68 11.29 -9.22 8.31
N THR B 69 12.60 -9.38 8.15
CA THR B 69 13.44 -9.92 9.20
C THR B 69 14.91 -9.68 8.84
N GLU B 70 15.69 -9.32 9.85
CA GLU B 70 17.11 -9.06 9.64
C GLU B 70 17.82 -10.39 9.42
N PHE B 71 18.78 -10.40 8.51
CA PHE B 71 19.52 -11.62 8.23
C PHE B 71 20.86 -11.34 7.57
N THR B 72 21.73 -12.34 7.57
CA THR B 72 23.03 -12.22 6.96
C THR B 72 23.17 -13.37 5.98
N PRO B 73 22.94 -13.09 4.71
CA PRO B 73 23.04 -14.10 3.66
C PRO B 73 24.42 -14.71 3.48
N THR B 74 24.44 -15.84 2.79
CA THR B 74 25.66 -16.57 2.48
C THR B 74 25.41 -17.21 1.12
N GLU B 75 26.42 -17.84 0.55
CA GLU B 75 26.24 -18.47 -0.75
C GLU B 75 25.54 -19.82 -0.54
N LYS B 76 25.56 -20.30 0.70
CA LYS B 76 24.97 -21.59 1.04
C LYS B 76 23.51 -21.54 1.46
N ASP B 77 23.19 -20.73 2.46
CA ASP B 77 21.83 -20.65 2.97
C ASP B 77 20.78 -20.31 1.93
N GLU B 78 19.61 -20.94 2.09
CA GLU B 78 18.48 -20.75 1.20
C GLU B 78 17.38 -20.00 1.93
N TYR B 79 16.78 -19.03 1.26
CA TYR B 79 15.70 -18.27 1.86
C TYR B 79 14.49 -18.27 0.97
N ALA B 80 13.31 -18.34 1.60
CA ALA B 80 12.05 -18.35 0.86
C ALA B 80 10.91 -17.78 1.67
N CYS B 81 9.80 -17.52 1.00
CA CYS B 81 8.60 -16.98 1.63
C CYS B 81 7.49 -17.97 1.35
N ARG B 82 6.73 -18.33 2.38
CA ARG B 82 5.63 -19.28 2.25
C ARG B 82 4.32 -18.58 2.59
N VAL B 83 3.39 -18.56 1.64
CA VAL B 83 2.13 -17.89 1.86
C VAL B 83 0.92 -18.81 1.77
N ASN B 84 -0.06 -18.55 2.61
CA ASN B 84 -1.32 -19.30 2.67
C ASN B 84 -2.46 -18.32 2.54
N HIS B 85 -3.41 -18.63 1.67
CA HIS B 85 -4.55 -17.76 1.45
C HIS B 85 -5.70 -18.60 0.90
N VAL B 86 -6.91 -18.30 1.32
CA VAL B 86 -8.07 -19.06 0.87
C VAL B 86 -8.07 -19.32 -0.65
N THR B 87 -7.49 -18.42 -1.43
CA THR B 87 -7.45 -18.61 -2.87
C THR B 87 -6.43 -19.68 -3.24
N LEU B 88 -5.65 -20.11 -2.24
CA LEU B 88 -4.63 -21.11 -2.47
C LEU B 88 -4.99 -22.51 -2.01
N SER B 89 -5.02 -23.43 -2.97
CA SER B 89 -5.32 -24.84 -2.70
C SER B 89 -4.26 -25.43 -1.77
N GLN B 90 -3.13 -24.74 -1.67
CA GLN B 90 -2.04 -25.18 -0.81
C GLN B 90 -1.00 -24.05 -0.68
N PRO B 91 -0.20 -24.07 0.39
CA PRO B 91 0.83 -23.05 0.64
C PRO B 91 1.74 -22.81 -0.56
N LYS B 92 1.87 -21.55 -0.96
CA LYS B 92 2.74 -21.22 -2.08
C LYS B 92 4.09 -20.81 -1.51
N ILE B 93 5.15 -21.35 -2.09
CA ILE B 93 6.51 -21.07 -1.63
C ILE B 93 7.34 -20.45 -2.73
N VAL B 94 7.80 -19.22 -2.48
CA VAL B 94 8.62 -18.49 -3.45
C VAL B 94 10.03 -18.37 -2.90
N LYS B 95 10.99 -18.94 -3.63
CA LYS B 95 12.39 -18.91 -3.20
C LYS B 95 13.00 -17.54 -3.45
N TRP B 96 13.92 -17.15 -2.58
CA TRP B 96 14.58 -15.87 -2.75
C TRP B 96 15.60 -15.98 -3.88
N ASP B 97 15.71 -14.92 -4.65
CA ASP B 97 16.64 -14.87 -5.77
C ASP B 97 17.30 -13.49 -5.70
N ARG B 98 18.56 -13.46 -5.29
CA ARG B 98 19.25 -12.19 -5.16
C ARG B 98 19.30 -11.32 -6.41
N ASP B 99 18.80 -11.83 -7.52
CA ASP B 99 18.81 -11.07 -8.76
C ASP B 99 17.40 -10.64 -9.18
N MET B 100 16.47 -10.68 -8.23
CA MET B 100 15.09 -10.29 -8.48
C MET B 100 14.47 -9.55 -7.30
N ARG C 1 -4.73 15.21 10.85
CA ARG C 1 -5.73 14.89 11.91
C ARG C 1 -7.01 14.33 11.26
N ARG C 2 -7.63 13.35 11.91
CA ARG C 2 -8.83 12.72 11.37
C ARG C 2 -10.09 13.55 11.50
N ILE C 3 -11.10 13.18 10.73
CA ILE C 3 -12.37 13.87 10.81
C ILE C 3 -13.00 13.37 12.11
N TYR C 4 -13.76 14.21 12.79
CA TYR C 4 -14.38 13.81 14.05
C TYR C 4 -15.79 13.25 13.86
N ASP C 5 -16.60 13.94 13.08
CA ASP C 5 -17.97 13.49 12.83
C ASP C 5 -18.08 12.00 12.55
N LEU C 6 -18.89 11.31 13.35
CA LEU C 6 -19.09 9.87 13.17
C LEU C 6 -20.35 9.64 12.35
N ILE C 7 -20.26 8.79 11.32
CA ILE C 7 -21.39 8.52 10.44
C ILE C 7 -21.63 7.03 10.21
N GLU C 8 -22.90 6.66 10.06
CA GLU C 8 -23.25 5.28 9.83
C GLU C 8 -23.96 5.09 8.48
N LEU C 9 -23.73 3.95 7.86
CA LEU C 9 -24.33 3.66 6.56
C LEU C 9 -25.69 2.97 6.67
#